data_1UHK
#
_entry.id   1UHK
#
_cell.length_a   34.223
_cell.length_b   57.038
_cell.length_c   57.768
_cell.angle_alpha   72.35
_cell.angle_beta   79.97
_cell.angle_gamma   67.89
#
_symmetry.space_group_name_H-M   'P 1'
#
loop_
_entity.id
_entity.type
_entity.pdbx_description
1 polymer 'Aequorin 2'
2 non-polymer (2S,8R)-8-BENZYL-2-HYDROPEROXY-6-(4-HYDROXYPHENYL)-2-(2-NAPHTHYLMETHYL)-7,8-DIHYDROIMIDAZO[1,2-A]PYRAZIN-3(2H)-ONE
3 water water
#
_entity_poly.entity_id   1
_entity_poly.type   'polypeptide(L)'
_entity_poly.pdbx_seq_one_letter_code
;ANSKLTSDFDNPRWIGRHKHMFNFLDVNHNGKISLDEMVYKASDIVINNLGATPEQAKRHKDAVEAFFGGAGMKYGVETD
WPAYIEGWKKLATDELEKYAKNEPTLIRIWGDALFDIVDKDQNGAITLDEWKAYTKAAGIIQSSEDCEETFRVCDIDESG
QLDVDEMTRQHLGFWYTMDPACEKLYGGAVP
;
_entity_poly.pdbx_strand_id   A,B
#
loop_
_chem_comp.id
_chem_comp.type
_chem_comp.name
_chem_comp.formula
CZN non-polymer (2S,8R)-8-BENZYL-2-HYDROPEROXY-6-(4-HYDROXYPHENYL)-2-(2-NAPHTHYLMETHYL)-7,8-DIHYDROIMIDAZO[1,2-A]PYRAZIN-3(2H)-ONE 'C30 H25 N3 O4'
#
# COMPACT_ATOMS: atom_id res chain seq x y z
N ALA A 1 -23.27 -2.39 -6.81
CA ALA A 1 -23.01 -1.21 -7.70
C ALA A 1 -21.58 -1.27 -8.24
N ASN A 2 -20.62 -1.36 -7.32
CA ASN A 2 -19.17 -1.28 -7.60
C ASN A 2 -18.67 -1.76 -8.99
N SER A 3 -18.57 -3.08 -9.19
CA SER A 3 -17.79 -3.62 -10.30
C SER A 3 -18.23 -3.15 -11.70
N LYS A 4 -17.25 -2.94 -12.58
CA LYS A 4 -17.46 -2.46 -13.96
C LYS A 4 -17.29 -3.65 -14.92
N LEU A 5 -18.36 -3.98 -15.65
CA LEU A 5 -18.41 -5.14 -16.54
C LEU A 5 -18.45 -4.78 -18.03
N THR A 6 -18.38 -3.48 -18.32
CA THR A 6 -18.39 -2.97 -19.69
C THR A 6 -16.97 -2.79 -20.15
N SER A 7 -16.66 -3.19 -21.41
CA SER A 7 -15.31 -2.96 -21.94
C SER A 7 -15.11 -1.47 -22.25
N ASP A 8 -13.86 -1.10 -22.41
CA ASP A 8 -13.46 0.28 -22.66
C ASP A 8 -12.29 0.33 -23.65
N PHE A 9 -12.54 -0.21 -24.83
CA PHE A 9 -11.47 -0.50 -25.77
C PHE A 9 -10.83 0.73 -26.38
N ASP A 10 -11.53 1.85 -26.42
CA ASP A 10 -10.90 3.05 -26.98
C ASP A 10 -10.14 3.88 -25.94
N ASN A 11 -10.10 3.42 -24.68
CA ASN A 11 -9.39 4.10 -23.62
C ASN A 11 -7.92 3.93 -23.89
N PRO A 12 -7.16 5.00 -24.06
CA PRO A 12 -5.73 4.82 -24.30
C PRO A 12 -4.98 4.09 -23.18
N ARG A 13 -5.53 4.10 -21.97
CA ARG A 13 -4.95 3.41 -20.84
C ARG A 13 -5.16 1.89 -20.95
N TRP A 14 -6.26 1.47 -21.59
CA TRP A 14 -6.48 0.03 -21.90
C TRP A 14 -5.52 -0.46 -22.98
N ILE A 15 -5.45 0.30 -24.08
CA ILE A 15 -4.53 -0.04 -25.15
C ILE A 15 -3.10 -0.10 -24.61
N GLY A 16 -2.74 0.89 -23.80
CA GLY A 16 -1.38 0.99 -23.29
C GLY A 16 -0.99 -0.06 -22.24
N ARG A 17 -1.98 -0.55 -21.51
CA ARG A 17 -1.77 -1.61 -20.54
C ARG A 17 -1.38 -2.90 -21.32
N HIS A 18 -2.12 -3.17 -22.39
CA HIS A 18 -1.81 -4.32 -23.24
C HIS A 18 -0.55 -4.13 -24.09
N LYS A 19 -0.22 -2.91 -24.50
CA LYS A 19 1.03 -2.67 -25.22
C LYS A 19 2.26 -2.89 -24.32
N HIS A 20 2.15 -2.48 -23.05
CA HIS A 20 3.14 -2.75 -22.02
C HIS A 20 3.39 -4.27 -21.97
N MET A 21 2.32 -5.03 -21.87
CA MET A 21 2.48 -6.47 -21.76
C MET A 21 3.03 -7.08 -23.04
N PHE A 22 2.59 -6.59 -24.20
CA PHE A 22 3.12 -7.07 -25.50
C PHE A 22 4.62 -6.84 -25.51
N ASN A 23 5.06 -5.66 -25.12
CA ASN A 23 6.49 -5.34 -25.09
C ASN A 23 7.28 -6.18 -24.09
N PHE A 24 6.67 -6.44 -22.94
CA PHE A 24 7.24 -7.29 -21.90
C PHE A 24 7.37 -8.73 -22.41
N LEU A 25 6.39 -9.16 -23.20
CA LEU A 25 6.40 -10.53 -23.78
C LEU A 25 7.37 -10.65 -24.94
N ASP A 26 7.59 -9.56 -25.66
CA ASP A 26 8.47 -9.56 -26.84
C ASP A 26 9.90 -9.30 -26.35
N VAL A 27 10.45 -10.28 -25.63
CA VAL A 27 11.75 -10.10 -24.98
C VAL A 27 12.94 -9.82 -25.92
N ASN A 28 12.81 -10.24 -27.15
CA ASN A 28 13.83 -9.91 -28.13
C ASN A 28 13.48 -8.83 -29.15
N HIS A 29 12.40 -8.11 -28.88
CA HIS A 29 12.08 -6.90 -29.60
C HIS A 29 11.97 -7.21 -31.10
N ASN A 30 11.30 -8.31 -31.42
CA ASN A 30 10.95 -8.68 -32.79
C ASN A 30 9.73 -7.94 -33.35
N GLY A 31 8.94 -7.33 -32.48
CA GLY A 31 7.69 -6.69 -32.88
C GLY A 31 6.58 -7.67 -33.16
N LYS A 32 6.82 -8.93 -32.79
CA LYS A 32 5.84 -9.99 -32.93
C LYS A 32 6.13 -11.06 -31.89
N ILE A 33 5.08 -11.76 -31.45
CA ILE A 33 5.19 -12.90 -30.52
C ILE A 33 4.29 -14.03 -31.01
N SER A 34 4.66 -15.28 -30.68
CA SER A 34 3.92 -16.46 -31.13
C SER A 34 3.35 -17.24 -29.97
N LEU A 35 2.36 -18.06 -30.27
CA LEU A 35 1.82 -18.93 -29.24
C LEU A 35 2.90 -19.88 -28.72
N ASP A 36 3.81 -20.27 -29.61
CA ASP A 36 4.91 -21.14 -29.22
C ASP A 36 5.72 -20.53 -28.06
N GLU A 37 5.98 -19.23 -28.16
CA GLU A 37 6.77 -18.53 -27.17
C GLU A 37 6.01 -18.43 -25.85
N MET A 38 4.71 -18.14 -25.94
CA MET A 38 3.88 -17.98 -24.74
C MET A 38 3.76 -19.27 -23.94
N VAL A 39 3.57 -20.40 -24.61
CA VAL A 39 3.46 -21.69 -23.88
C VAL A 39 4.82 -22.18 -23.40
N TYR A 40 5.89 -21.82 -24.12
CA TYR A 40 7.25 -22.09 -23.66
C TYR A 40 7.48 -21.36 -22.33
N LYS A 41 7.25 -20.06 -22.34
CA LYS A 41 7.45 -19.25 -21.14
C LYS A 41 6.65 -19.79 -19.95
N ALA A 42 5.38 -20.12 -20.18
CA ALA A 42 4.52 -20.64 -19.13
C ALA A 42 5.06 -21.89 -18.49
N SER A 43 5.51 -22.85 -19.30
CA SER A 43 5.95 -24.12 -18.75
C SER A 43 7.37 -24.01 -18.17
N ASP A 44 8.21 -23.16 -18.76
CA ASP A 44 9.51 -22.86 -18.17
C ASP A 44 9.34 -22.35 -16.72
N ILE A 45 8.46 -21.38 -16.54
CA ILE A 45 8.26 -20.85 -15.19
C ILE A 45 7.81 -21.95 -14.23
N VAL A 46 6.73 -22.64 -14.56
CA VAL A 46 6.14 -23.52 -13.55
C VAL A 46 7.01 -24.73 -13.30
N ILE A 47 7.59 -25.31 -14.36
CA ILE A 47 8.41 -26.51 -14.18
C ILE A 47 9.79 -26.13 -13.59
N ASN A 48 10.43 -25.11 -14.16
CA ASN A 48 11.82 -24.84 -13.80
C ASN A 48 12.01 -23.91 -12.60
N ASN A 49 10.98 -23.15 -12.25
CA ASN A 49 11.07 -22.22 -11.14
C ASN A 49 10.12 -22.55 -9.96
N LEU A 50 8.95 -23.10 -10.25
CA LEU A 50 7.91 -23.24 -9.21
C LEU A 50 7.56 -24.67 -8.81
N GLY A 51 8.34 -25.65 -9.23
CA GLY A 51 8.19 -27.00 -8.73
C GLY A 51 7.00 -27.80 -9.23
N ALA A 52 6.41 -27.42 -10.37
CA ALA A 52 5.21 -28.09 -10.85
C ALA A 52 5.46 -29.55 -11.14
N THR A 53 4.52 -30.41 -10.77
CA THR A 53 4.55 -31.78 -11.23
C THR A 53 4.25 -31.84 -12.71
N PRO A 54 4.52 -32.99 -13.34
CA PRO A 54 4.21 -33.10 -14.76
C PRO A 54 2.74 -32.87 -15.09
N GLU A 55 1.82 -33.41 -14.30
CA GLU A 55 0.40 -33.26 -14.56
C GLU A 55 0.02 -31.80 -14.35
N GLN A 56 0.54 -31.17 -13.31
CA GLN A 56 0.25 -29.74 -13.07
C GLN A 56 0.71 -28.85 -14.21
N ALA A 57 1.90 -29.14 -14.72
CA ALA A 57 2.48 -28.36 -15.81
C ALA A 57 1.65 -28.47 -17.08
N LYS A 58 1.22 -29.69 -17.43
CA LYS A 58 0.39 -29.90 -18.59
C LYS A 58 -0.96 -29.18 -18.49
N ARG A 59 -1.58 -29.21 -17.31
CA ARG A 59 -2.81 -28.47 -17.06
C ARG A 59 -2.59 -26.97 -17.30
N HIS A 60 -1.54 -26.45 -16.67
CA HIS A 60 -1.16 -25.04 -16.80
C HIS A 60 -0.90 -24.68 -18.28
N LYS A 61 -0.21 -25.53 -19.02
CA LYS A 61 0.07 -25.25 -20.43
C LYS A 61 -1.24 -25.18 -21.24
N ASP A 62 -2.17 -26.11 -21.03
CA ASP A 62 -3.45 -26.09 -21.71
C ASP A 62 -4.19 -24.79 -21.40
N ALA A 63 -4.15 -24.32 -20.15
CA ALA A 63 -4.85 -23.08 -19.81
C ALA A 63 -4.25 -21.86 -20.51
N VAL A 64 -2.93 -21.77 -20.54
CA VAL A 64 -2.25 -20.64 -21.20
C VAL A 64 -2.45 -20.68 -22.72
N GLU A 65 -2.34 -21.87 -23.33
CA GLU A 65 -2.65 -22.10 -24.74
C GLU A 65 -4.04 -21.58 -25.11
N ALA A 66 -5.04 -21.94 -24.31
CA ALA A 66 -6.42 -21.50 -24.53
C ALA A 66 -6.56 -19.99 -24.34
N PHE A 67 -5.84 -19.42 -23.36
CA PHE A 67 -5.96 -17.98 -23.04
C PHE A 67 -5.48 -17.11 -24.21
N PHE A 68 -4.22 -17.31 -24.61
CA PHE A 68 -3.67 -16.58 -25.75
C PHE A 68 -4.32 -16.99 -27.08
N GLY A 69 -4.78 -18.23 -27.17
CA GLY A 69 -5.62 -18.67 -28.27
C GLY A 69 -6.90 -17.86 -28.41
N GLY A 70 -7.48 -17.46 -27.29
CA GLY A 70 -8.69 -16.68 -27.29
C GLY A 70 -8.44 -15.27 -27.79
N ALA A 71 -7.19 -14.83 -27.70
CA ALA A 71 -6.71 -13.57 -28.28
C ALA A 71 -6.21 -13.74 -29.72
N GLY A 72 -6.44 -14.90 -30.34
CA GLY A 72 -6.17 -15.12 -31.76
C GLY A 72 -4.79 -15.63 -32.12
N MET A 73 -3.97 -15.88 -31.10
CA MET A 73 -2.63 -16.40 -31.30
C MET A 73 -2.69 -17.89 -31.64
N LYS A 74 -1.72 -18.33 -32.47
CA LYS A 74 -1.66 -19.70 -32.95
C LYS A 74 -0.21 -20.21 -33.07
N TYR A 75 -0.01 -21.52 -32.92
CA TYR A 75 1.28 -22.12 -33.14
C TYR A 75 1.74 -21.87 -34.59
N GLY A 76 3.01 -21.50 -34.71
CA GLY A 76 3.65 -21.25 -36.00
C GLY A 76 3.29 -19.92 -36.64
N VAL A 77 2.58 -19.05 -35.91
CA VAL A 77 2.18 -17.73 -36.39
C VAL A 77 2.80 -16.65 -35.51
N GLU A 78 3.36 -15.62 -36.14
CA GLU A 78 3.96 -14.51 -35.42
C GLU A 78 2.92 -13.41 -35.45
N THR A 79 2.46 -13.03 -34.26
CA THR A 79 1.41 -12.05 -34.10
C THR A 79 2.04 -10.68 -33.83
N ASP A 80 1.79 -9.72 -34.70
CA ASP A 80 2.29 -8.36 -34.52
C ASP A 80 1.33 -7.54 -33.65
N TRP A 81 1.71 -6.33 -33.32
CA TRP A 81 0.92 -5.53 -32.39
C TRP A 81 -0.53 -5.28 -32.86
N PRO A 82 -0.76 -4.78 -34.09
CA PRO A 82 -2.14 -4.57 -34.55
C PRO A 82 -3.00 -5.85 -34.46
N ALA A 83 -2.47 -7.02 -34.82
CA ALA A 83 -3.23 -8.26 -34.74
C ALA A 83 -3.46 -8.64 -33.27
N TYR A 84 -2.48 -8.33 -32.44
CA TYR A 84 -2.52 -8.67 -31.02
C TYR A 84 -3.63 -7.90 -30.31
N ILE A 85 -3.65 -6.59 -30.48
CA ILE A 85 -4.65 -5.79 -29.81
C ILE A 85 -6.08 -6.00 -30.33
N GLU A 86 -6.25 -6.27 -31.64
CA GLU A 86 -7.62 -6.64 -32.14
C GLU A 86 -8.06 -7.98 -31.57
N GLY A 87 -7.18 -8.98 -31.54
CA GLY A 87 -7.47 -10.23 -30.87
C GLY A 87 -7.81 -10.09 -29.39
N TRP A 88 -7.16 -9.15 -28.70
CA TRP A 88 -7.46 -8.89 -27.28
C TRP A 88 -8.87 -8.30 -27.11
N LYS A 89 -9.32 -7.52 -28.08
CA LYS A 89 -10.71 -7.06 -28.03
C LYS A 89 -11.70 -8.21 -28.09
N LYS A 90 -11.42 -9.20 -28.92
CA LYS A 90 -12.25 -10.41 -28.98
C LYS A 90 -12.17 -11.24 -27.69
N LEU A 91 -10.97 -11.47 -27.17
CA LEU A 91 -10.81 -12.19 -25.90
C LEU A 91 -11.60 -11.53 -24.76
N ALA A 92 -11.39 -10.22 -24.57
CA ALA A 92 -12.03 -9.52 -23.45
C ALA A 92 -13.53 -9.58 -23.58
N THR A 93 -14.03 -9.43 -24.81
CA THR A 93 -15.47 -9.51 -25.07
C THR A 93 -16.05 -10.87 -24.70
N ASP A 94 -15.39 -11.92 -25.19
CA ASP A 94 -15.84 -13.29 -24.93
C ASP A 94 -15.80 -13.61 -23.45
N GLU A 95 -14.75 -13.16 -22.77
CA GLU A 95 -14.61 -13.39 -21.34
C GLU A 95 -15.68 -12.71 -20.50
N LEU A 96 -15.99 -11.45 -20.86
CA LEU A 96 -17.00 -10.70 -20.15
C LEU A 96 -18.39 -11.32 -20.35
N GLU A 97 -18.60 -11.93 -21.52
CA GLU A 97 -19.87 -12.60 -21.85
C GLU A 97 -20.01 -13.83 -20.96
N LYS A 98 -18.96 -14.66 -20.93
CA LYS A 98 -18.93 -15.84 -20.06
C LYS A 98 -19.15 -15.50 -18.59
N TYR A 99 -18.48 -14.46 -18.11
CA TYR A 99 -18.57 -14.05 -16.73
C TYR A 99 -20.01 -13.63 -16.36
N ALA A 100 -20.66 -12.89 -17.26
CA ALA A 100 -22.01 -12.42 -17.00
C ALA A 100 -23.03 -13.55 -16.96
N LYS A 101 -22.74 -14.63 -17.71
CA LYS A 101 -23.57 -15.84 -17.76
C LYS A 101 -23.20 -16.91 -16.71
N ASN A 102 -22.29 -16.54 -15.82
CA ASN A 102 -21.78 -17.44 -14.79
C ASN A 102 -21.11 -18.71 -15.36
N GLU A 103 -20.44 -18.54 -16.51
CA GLU A 103 -19.69 -19.63 -17.14
C GLU A 103 -18.19 -19.40 -16.89
N PRO A 104 -17.43 -20.47 -16.66
CA PRO A 104 -15.98 -20.32 -16.38
C PRO A 104 -15.25 -19.55 -17.47
N THR A 105 -14.42 -18.61 -17.04
CA THR A 105 -13.62 -17.80 -17.96
C THR A 105 -12.26 -18.45 -18.16
N LEU A 106 -11.60 -18.12 -19.27
CA LEU A 106 -10.25 -18.58 -19.53
C LEU A 106 -9.26 -18.07 -18.46
N ILE A 107 -9.46 -16.86 -17.96
CA ILE A 107 -8.58 -16.32 -16.94
C ILE A 107 -8.73 -17.10 -15.62
N ARG A 108 -9.95 -17.48 -15.26
CA ARG A 108 -10.16 -18.31 -14.07
C ARG A 108 -9.53 -19.68 -14.24
N ILE A 109 -9.68 -20.28 -15.41
CA ILE A 109 -9.13 -21.63 -15.63
C ILE A 109 -7.61 -21.55 -15.45
N TRP A 110 -6.98 -20.50 -15.98
CA TRP A 110 -5.54 -20.30 -15.78
C TRP A 110 -5.22 -20.14 -14.29
N GLY A 111 -5.96 -19.28 -13.58
CA GLY A 111 -5.75 -19.06 -12.16
C GLY A 111 -5.82 -20.36 -11.35
N ASP A 112 -6.79 -21.20 -11.66
CA ASP A 112 -6.97 -22.44 -10.93
C ASP A 112 -5.74 -23.33 -11.16
N ALA A 113 -5.31 -23.42 -12.42
CA ALA A 113 -4.15 -24.26 -12.74
C ALA A 113 -2.86 -23.73 -12.09
N LEU A 114 -2.66 -22.41 -12.12
CA LEU A 114 -1.49 -21.81 -11.52
C LEU A 114 -1.52 -21.94 -10.01
N PHE A 115 -2.66 -21.63 -9.39
CA PHE A 115 -2.76 -21.71 -7.94
C PHE A 115 -2.56 -23.13 -7.40
N ASP A 116 -2.88 -24.14 -8.20
CA ASP A 116 -2.60 -25.52 -7.78
C ASP A 116 -1.11 -25.77 -7.60
N ILE A 117 -0.30 -25.03 -8.38
CA ILE A 117 1.16 -25.12 -8.30
C ILE A 117 1.70 -24.20 -7.20
N VAL A 118 1.19 -22.96 -7.15
CA VAL A 118 1.78 -21.92 -6.33
C VAL A 118 1.36 -21.96 -4.84
N ASP A 119 0.12 -22.36 -4.58
CA ASP A 119 -0.41 -22.50 -3.21
C ASP A 119 0.11 -23.82 -2.61
N LYS A 120 1.05 -23.74 -1.69
CA LYS A 120 1.59 -24.94 -1.02
C LYS A 120 0.48 -25.86 -0.49
N ASP A 121 -0.63 -25.28 -0.04
CA ASP A 121 -1.72 -26.03 0.57
C ASP A 121 -2.83 -26.50 -0.41
N GLN A 122 -2.70 -26.06 -1.67
CA GLN A 122 -3.65 -26.43 -2.73
C GLN A 122 -5.12 -26.24 -2.36
N ASN A 123 -5.40 -25.07 -1.82
CA ASN A 123 -6.76 -24.71 -1.42
C ASN A 123 -7.28 -23.42 -2.08
N GLY A 124 -6.64 -23.02 -3.17
CA GLY A 124 -7.09 -21.91 -3.99
C GLY A 124 -6.78 -20.51 -3.46
N ALA A 125 -5.70 -20.36 -2.72
CA ALA A 125 -5.28 -19.03 -2.24
C ALA A 125 -3.78 -18.98 -1.98
N ILE A 126 -3.19 -17.79 -2.16
CA ILE A 126 -1.75 -17.65 -2.06
C ILE A 126 -1.31 -16.60 -1.05
N THR A 127 -0.18 -16.87 -0.41
CA THR A 127 0.48 -15.88 0.46
C THR A 127 1.19 -14.82 -0.34
N LEU A 128 1.55 -13.75 0.34
CA LEU A 128 2.37 -12.73 -0.32
C LEU A 128 3.70 -13.29 -0.83
N ASP A 129 4.37 -14.13 -0.03
CA ASP A 129 5.62 -14.74 -0.46
C ASP A 129 5.39 -15.58 -1.74
N GLU A 130 4.27 -16.30 -1.82
CA GLU A 130 3.98 -17.11 -3.02
C GLU A 130 3.72 -16.22 -4.26
N TRP A 131 3.04 -15.10 -4.03
CA TRP A 131 2.81 -14.13 -5.11
C TRP A 131 4.13 -13.51 -5.59
N LYS A 132 4.99 -13.15 -4.66
CA LYS A 132 6.36 -12.70 -4.99
C LYS A 132 7.10 -13.75 -5.83
N ALA A 133 7.04 -15.00 -5.41
CA ALA A 133 7.74 -16.07 -6.14
C ALA A 133 7.24 -16.20 -7.59
N TYR A 134 5.93 -16.24 -7.79
CA TYR A 134 5.37 -16.35 -9.11
C TYR A 134 5.72 -15.13 -9.96
N THR A 135 5.35 -13.94 -9.47
CA THR A 135 5.48 -12.76 -10.33
C THR A 135 6.93 -12.42 -10.67
N LYS A 136 7.85 -12.65 -9.73
CA LYS A 136 9.26 -12.38 -9.99
C LYS A 136 9.86 -13.43 -10.94
N ALA A 137 9.44 -14.69 -10.85
CA ALA A 137 9.85 -15.70 -11.84
C ALA A 137 9.35 -15.36 -13.25
N ALA A 138 8.08 -14.97 -13.37
CA ALA A 138 7.51 -14.57 -14.66
C ALA A 138 8.15 -13.27 -15.13
N GLY A 139 8.45 -12.38 -14.18
CA GLY A 139 8.99 -11.10 -14.51
C GLY A 139 7.99 -10.00 -14.59
N ILE A 140 6.71 -10.33 -14.43
CA ILE A 140 5.64 -9.34 -14.54
C ILE A 140 5.72 -8.25 -13.45
N ILE A 141 6.19 -8.62 -12.26
CA ILE A 141 6.59 -7.68 -11.24
C ILE A 141 8.05 -7.94 -10.91
N GLN A 142 8.82 -6.88 -10.77
CA GLN A 142 10.22 -7.00 -10.35
C GLN A 142 10.45 -6.76 -8.84
N SER A 143 9.79 -5.76 -8.26
CA SER A 143 10.08 -5.32 -6.90
C SER A 143 9.10 -5.88 -5.88
N SER A 144 9.59 -6.13 -4.67
CA SER A 144 8.72 -6.55 -3.58
C SER A 144 7.66 -5.48 -3.30
N GLU A 145 8.02 -4.21 -3.37
CA GLU A 145 7.04 -3.16 -3.11
C GLU A 145 5.82 -3.21 -4.04
N ASP A 146 6.03 -3.53 -5.31
CA ASP A 146 4.90 -3.64 -6.22
C ASP A 146 4.06 -4.88 -5.90
N CYS A 147 4.73 -5.98 -5.56
CA CYS A 147 4.01 -7.19 -5.12
C CYS A 147 3.11 -6.91 -3.90
N GLU A 148 3.60 -6.14 -2.96
CA GLU A 148 2.87 -5.75 -1.77
C GLU A 148 1.66 -4.87 -2.13
N GLU A 149 1.76 -4.05 -3.17
CA GLU A 149 0.61 -3.24 -3.60
C GLU A 149 -0.58 -4.09 -4.11
N THR A 150 -0.29 -5.26 -4.69
CA THR A 150 -1.37 -6.19 -5.05
C THR A 150 -2.24 -6.51 -3.84
N PHE A 151 -1.58 -6.82 -2.73
CA PHE A 151 -2.29 -7.20 -1.52
C PHE A 151 -3.02 -5.98 -0.90
N ARG A 152 -2.61 -4.75 -1.20
CA ARG A 152 -3.40 -3.57 -0.78
C ARG A 152 -4.68 -3.44 -1.60
N VAL A 153 -4.58 -3.64 -2.92
CA VAL A 153 -5.70 -3.45 -3.83
C VAL A 153 -6.76 -4.53 -3.64
N CYS A 154 -6.32 -5.78 -3.53
CA CYS A 154 -7.21 -6.90 -3.41
C CYS A 154 -7.80 -7.01 -2.00
N ASP A 155 -8.98 -7.59 -1.92
CA ASP A 155 -9.55 -8.08 -0.68
C ASP A 155 -8.83 -9.35 -0.27
N ILE A 156 -8.16 -9.29 0.88
CA ILE A 156 -7.38 -10.38 1.40
C ILE A 156 -8.23 -11.15 2.40
N ASP A 157 -8.06 -12.45 2.40
CA ASP A 157 -8.87 -13.30 3.24
C ASP A 157 -8.40 -13.34 4.72
N GLU A 158 -9.13 -14.12 5.52
CA GLU A 158 -8.98 -14.14 6.98
C GLU A 158 -7.65 -14.72 7.42
N SER A 159 -6.99 -15.44 6.52
CA SER A 159 -5.67 -16.01 6.78
C SER A 159 -4.54 -15.18 6.16
N GLY A 160 -4.86 -14.01 5.62
CA GLY A 160 -3.89 -13.16 4.96
C GLY A 160 -3.54 -13.55 3.53
N GLN A 161 -4.43 -14.33 2.89
CA GLN A 161 -4.19 -14.86 1.54
C GLN A 161 -5.07 -14.24 0.47
N LEU A 162 -4.56 -14.25 -0.77
CA LEU A 162 -5.29 -13.83 -1.93
C LEU A 162 -5.96 -15.03 -2.58
N ASP A 163 -7.27 -15.09 -2.53
CA ASP A 163 -8.01 -16.22 -3.07
C ASP A 163 -8.21 -16.09 -4.58
N VAL A 164 -8.29 -17.22 -5.27
CA VAL A 164 -8.41 -17.24 -6.71
C VAL A 164 -9.67 -16.54 -7.21
N ASP A 165 -10.77 -16.59 -6.45
CA ASP A 165 -12.00 -15.90 -6.83
C ASP A 165 -11.82 -14.38 -6.84
N GLU A 166 -11.20 -13.84 -5.80
CA GLU A 166 -10.95 -12.40 -5.71
C GLU A 166 -9.99 -11.96 -6.81
N MET A 167 -8.93 -12.74 -7.01
CA MET A 167 -7.96 -12.34 -8.03
C MET A 167 -8.55 -12.43 -9.42
N THR A 168 -9.49 -13.35 -9.63
CA THR A 168 -10.17 -13.44 -10.92
C THR A 168 -10.99 -12.17 -11.15
N ARG A 169 -11.69 -11.72 -10.11
CA ARG A 169 -12.47 -10.48 -10.18
C ARG A 169 -11.58 -9.29 -10.50
N GLN A 170 -10.43 -9.24 -9.85
CA GLN A 170 -9.49 -8.13 -10.03
C GLN A 170 -8.93 -8.15 -11.43
N HIS A 171 -8.63 -9.34 -11.95
CA HIS A 171 -8.15 -9.50 -13.31
C HIS A 171 -9.15 -9.08 -14.35
N LEU A 172 -10.44 -9.29 -14.11
CA LEU A 172 -11.46 -8.83 -15.06
C LEU A 172 -11.40 -7.31 -15.14
N GLY A 173 -11.33 -6.68 -13.98
CA GLY A 173 -11.30 -5.23 -13.90
C GLY A 173 -10.05 -4.65 -14.51
N PHE A 174 -8.92 -5.34 -14.29
CA PHE A 174 -7.62 -4.81 -14.68
C PHE A 174 -7.34 -5.08 -16.15
N TRP A 175 -7.55 -6.32 -16.61
CA TRP A 175 -7.23 -6.67 -17.99
C TRP A 175 -8.39 -6.40 -18.97
N TYR A 176 -9.63 -6.48 -18.53
CA TYR A 176 -10.77 -6.41 -19.46
C TYR A 176 -11.57 -5.10 -19.46
N THR A 177 -11.80 -4.49 -18.29
CA THR A 177 -12.77 -3.39 -18.21
C THR A 177 -12.26 -2.02 -17.75
N MET A 178 -11.00 -1.91 -17.39
CA MET A 178 -10.47 -0.68 -16.79
C MET A 178 -11.28 -0.21 -15.58
N ASP A 179 -11.66 -1.16 -14.73
CA ASP A 179 -12.33 -0.81 -13.47
C ASP A 179 -11.44 0.07 -12.59
N PRO A 180 -11.87 1.28 -12.25
CA PRO A 180 -11.02 2.13 -11.41
C PRO A 180 -10.60 1.49 -10.07
N ALA A 181 -11.41 0.57 -9.56
CA ALA A 181 -11.12 -0.03 -8.27
C ALA A 181 -9.93 -1.01 -8.34
N CYS A 182 -9.57 -1.40 -9.56
CA CYS A 182 -8.49 -2.36 -9.80
C CYS A 182 -7.16 -1.72 -10.23
N GLU A 183 -7.09 -0.40 -10.26
CA GLU A 183 -5.83 0.29 -10.58
C GLU A 183 -4.74 -0.12 -9.61
N LYS A 184 -3.52 -0.20 -10.11
CA LYS A 184 -2.34 -0.50 -9.29
C LYS A 184 -2.33 -1.94 -8.82
N LEU A 185 -3.10 -2.80 -9.49
CA LEU A 185 -3.14 -4.23 -9.10
C LEU A 185 -1.76 -4.87 -9.09
N TYR A 186 -0.90 -4.44 -10.02
CA TYR A 186 0.49 -4.86 -10.12
C TYR A 186 1.44 -3.76 -9.67
N GLY A 187 0.96 -2.89 -8.78
CA GLY A 187 1.78 -1.77 -8.34
C GLY A 187 2.17 -0.90 -9.52
N GLY A 188 3.41 -0.41 -9.50
CA GLY A 188 3.94 0.36 -10.62
C GLY A 188 4.45 -0.48 -11.77
N ALA A 189 4.42 -1.80 -11.62
CA ALA A 189 5.03 -2.68 -12.61
C ALA A 189 4.31 -2.67 -13.97
N VAL A 190 2.98 -2.57 -13.92
CA VAL A 190 2.12 -2.57 -15.11
C VAL A 190 1.19 -1.37 -15.02
N PRO A 191 1.27 -0.44 -15.97
CA PRO A 191 0.43 0.78 -15.88
C PRO A 191 -1.02 0.46 -16.17
N ALA B 1 23.97 12.24 10.45
CA ALA B 1 22.88 11.95 11.44
C ALA B 1 23.42 11.25 12.66
N ASN B 2 22.82 11.48 13.82
CA ASN B 2 23.32 10.92 15.07
C ASN B 2 22.97 9.46 15.27
N SER B 3 21.97 8.99 14.55
CA SER B 3 21.55 7.58 14.61
C SER B 3 21.46 7.00 13.19
N LYS B 4 21.58 5.68 13.11
CA LYS B 4 21.33 4.93 11.90
C LYS B 4 19.94 4.33 12.05
N LEU B 5 19.00 4.83 11.26
CA LEU B 5 17.60 4.51 11.44
C LEU B 5 17.10 3.80 10.19
N THR B 6 16.41 2.67 10.38
CA THR B 6 15.89 1.89 9.26
C THR B 6 14.48 1.45 9.57
N SER B 7 13.75 1.13 8.54
CA SER B 7 12.34 0.74 8.67
C SER B 7 12.23 -0.70 9.10
N ASP B 8 11.05 -1.02 9.64
CA ASP B 8 10.70 -2.36 10.10
C ASP B 8 9.23 -2.59 9.83
N PHE B 9 8.85 -2.47 8.56
CA PHE B 9 7.45 -2.40 8.15
C PHE B 9 6.71 -3.74 8.29
N ASP B 10 7.44 -4.85 8.27
CA ASP B 10 6.78 -6.16 8.42
C ASP B 10 6.57 -6.58 9.87
N ASN B 11 7.05 -5.79 10.82
CA ASN B 11 6.85 -6.04 12.22
C ASN B 11 5.35 -5.87 12.52
N PRO B 12 4.67 -6.90 13.03
CA PRO B 12 3.25 -6.72 13.34
C PRO B 12 2.98 -5.64 14.36
N ARG B 13 3.97 -5.35 15.21
CA ARG B 13 3.80 -4.27 16.18
C ARG B 13 3.87 -2.89 15.56
N TRP B 14 4.56 -2.75 14.43
CA TRP B 14 4.55 -1.48 13.68
C TRP B 14 3.19 -1.29 13.03
N ILE B 15 2.74 -2.31 12.33
CA ILE B 15 1.45 -2.28 11.67
C ILE B 15 0.39 -2.00 12.73
N GLY B 16 0.45 -2.69 13.87
CA GLY B 16 -0.56 -2.54 14.90
C GLY B 16 -0.55 -1.17 15.56
N ARG B 17 0.64 -0.58 15.67
CA ARG B 17 0.78 0.77 16.27
C ARG B 17 -0.01 1.77 15.44
N HIS B 18 0.16 1.67 14.13
CA HIS B 18 -0.57 2.53 13.20
C HIS B 18 -2.04 2.19 13.04
N LYS B 19 -2.39 0.93 13.19
CA LYS B 19 -3.81 0.57 13.16
C LYS B 19 -4.56 1.09 14.39
N HIS B 20 -3.89 1.08 15.54
CA HIS B 20 -4.38 1.73 16.77
C HIS B 20 -4.68 3.20 16.47
N MET B 21 -3.72 3.87 15.86
CA MET B 21 -3.91 5.31 15.60
C MET B 21 -5.00 5.54 14.54
N PHE B 22 -5.07 4.70 13.51
CA PHE B 22 -6.14 4.79 12.50
C PHE B 22 -7.52 4.66 13.18
N ASN B 23 -7.64 3.67 14.07
CA ASN B 23 -8.90 3.48 14.78
C ASN B 23 -9.26 4.64 15.72
N PHE B 24 -8.24 5.18 16.39
CA PHE B 24 -8.39 6.38 17.25
C PHE B 24 -8.82 7.59 16.41
N LEU B 25 -8.31 7.70 15.19
CA LEU B 25 -8.65 8.85 14.30
C LEU B 25 -10.02 8.68 13.67
N ASP B 26 -10.43 7.43 13.44
CA ASP B 26 -11.73 7.11 12.81
C ASP B 26 -12.81 7.08 13.88
N VAL B 27 -13.10 8.26 14.43
CA VAL B 27 -13.99 8.38 15.60
C VAL B 27 -15.42 7.92 15.38
N ASN B 28 -15.86 7.91 14.12
CA ASN B 28 -17.19 7.38 13.81
C ASN B 28 -17.22 6.00 13.16
N HIS B 29 -16.07 5.34 13.17
CA HIS B 29 -15.96 3.95 12.72
C HIS B 29 -16.48 3.79 11.28
N ASN B 30 -16.08 4.71 10.41
CA ASN B 30 -16.40 4.62 8.99
C ASN B 30 -15.49 3.69 8.18
N GLY B 31 -14.36 3.29 8.77
CA GLY B 31 -13.34 2.50 8.08
C GLY B 31 -12.53 3.30 7.09
N LYS B 32 -12.64 4.62 7.16
CA LYS B 32 -11.87 5.52 6.32
C LYS B 32 -11.86 6.88 7.01
N ILE B 33 -10.80 7.63 6.73
CA ILE B 33 -10.59 8.97 7.27
C ILE B 33 -10.06 9.86 6.16
N SER B 34 -10.30 11.19 6.25
CA SER B 34 -9.93 12.14 5.20
C SER B 34 -8.96 13.18 5.77
N LEU B 35 -8.24 13.83 4.88
CA LEU B 35 -7.38 14.91 5.31
C LEU B 35 -8.22 16.05 5.87
N ASP B 36 -9.43 16.20 5.35
CA ASP B 36 -10.31 17.23 5.87
C ASP B 36 -10.51 17.06 7.38
N GLU B 37 -10.72 15.81 7.79
CA GLU B 37 -10.94 15.48 9.19
C GLU B 37 -9.69 15.71 10.02
N MET B 38 -8.53 15.30 9.51
CA MET B 38 -7.29 15.42 10.24
C MET B 38 -6.94 16.88 10.49
N VAL B 39 -7.08 17.74 9.49
CA VAL B 39 -6.73 19.14 9.66
C VAL B 39 -7.78 19.88 10.50
N TYR B 40 -9.03 19.43 10.44
CA TYR B 40 -10.08 19.92 11.35
C TYR B 40 -9.67 19.63 12.81
N LYS B 41 -9.37 18.38 13.10
CA LYS B 41 -8.98 17.94 14.43
C LYS B 41 -7.80 18.79 14.94
N ALA B 42 -6.77 18.97 14.09
CA ALA B 42 -5.56 19.70 14.49
C ALA B 42 -5.89 21.15 14.87
N SER B 43 -6.68 21.82 14.04
CA SER B 43 -6.94 23.26 14.27
C SER B 43 -7.96 23.44 15.41
N ASP B 44 -8.92 22.53 15.52
CA ASP B 44 -9.84 22.55 16.67
C ASP B 44 -9.03 22.49 17.99
N ILE B 45 -8.08 21.54 18.10
CA ILE B 45 -7.26 21.45 19.32
C ILE B 45 -6.55 22.77 19.59
N VAL B 46 -5.80 23.27 18.61
CA VAL B 46 -4.88 24.35 18.94
C VAL B 46 -5.61 25.66 19.12
N ILE B 47 -6.65 25.90 18.32
CA ILE B 47 -7.41 27.14 18.41
C ILE B 47 -8.39 27.07 19.59
N ASN B 48 -9.12 25.98 19.72
CA ASN B 48 -10.25 25.93 20.67
C ASN B 48 -9.90 25.36 22.06
N ASN B 49 -8.76 24.69 22.18
CA ASN B 49 -8.32 24.16 23.48
C ASN B 49 -7.00 24.77 24.01
N LEU B 50 -6.05 25.12 23.12
CA LEU B 50 -4.70 25.48 23.55
C LEU B 50 -4.30 26.94 23.31
N GLY B 51 -5.28 27.77 22.96
CA GLY B 51 -5.06 29.21 22.92
C GLY B 51 -4.21 29.76 21.79
N ALA B 52 -4.09 29.00 20.69
CA ALA B 52 -3.21 29.45 19.60
C ALA B 52 -3.67 30.76 18.99
N THR B 53 -2.70 31.60 18.64
CA THR B 53 -2.99 32.77 17.85
C THR B 53 -3.33 32.36 16.40
N PRO B 54 -3.92 33.26 15.61
CA PRO B 54 -4.25 32.90 14.24
C PRO B 54 -3.01 32.45 13.43
N GLU B 55 -1.90 33.16 13.59
CA GLU B 55 -0.67 32.84 12.84
C GLU B 55 -0.15 31.48 13.29
N GLN B 56 -0.18 31.22 14.59
CA GLN B 56 0.30 29.95 15.15
C GLN B 56 -0.54 28.78 14.64
N ALA B 57 -1.86 29.00 14.65
CA ALA B 57 -2.82 27.98 14.14
C ALA B 57 -2.60 27.63 12.67
N LYS B 58 -2.37 28.65 11.86
CA LYS B 58 -2.12 28.44 10.43
C LYS B 58 -0.81 27.70 10.18
N ARG B 59 0.24 28.03 10.95
CA ARG B 59 1.51 27.31 10.84
C ARG B 59 1.31 25.83 11.18
N HIS B 60 0.62 25.59 12.29
CA HIS B 60 0.31 24.23 12.71
C HIS B 60 -0.53 23.49 11.66
N LYS B 61 -1.55 24.13 11.09
CA LYS B 61 -2.39 23.50 10.08
C LYS B 61 -1.54 23.09 8.87
N ASP B 62 -0.66 23.98 8.42
CA ASP B 62 0.22 23.64 7.32
C ASP B 62 1.09 22.41 7.63
N ALA B 63 1.59 22.32 8.86
CA ALA B 63 2.47 21.20 9.25
C ALA B 63 1.69 19.88 9.28
N VAL B 64 0.48 19.89 9.84
CA VAL B 64 -0.34 18.68 9.87
C VAL B 64 -0.81 18.24 8.45
N GLU B 65 -1.26 19.21 7.64
CA GLU B 65 -1.60 18.97 6.25
C GLU B 65 -0.44 18.24 5.51
N ALA B 66 0.77 18.76 5.70
CA ALA B 66 1.96 18.19 5.05
C ALA B 66 2.28 16.81 5.59
N PHE B 67 2.09 16.60 6.89
CA PHE B 67 2.38 15.33 7.54
C PHE B 67 1.49 14.21 7.00
N PHE B 68 0.19 14.35 7.15
CA PHE B 68 -0.74 13.37 6.62
C PHE B 68 -0.75 13.34 5.08
N GLY B 69 -0.44 14.46 4.43
CA GLY B 69 -0.23 14.50 2.99
C GLY B 69 0.93 13.62 2.58
N GLY B 70 1.94 13.55 3.43
CA GLY B 70 3.09 12.69 3.16
C GLY B 70 2.73 11.22 3.19
N ALA B 71 1.67 10.89 3.92
CA ALA B 71 1.14 9.54 3.99
C ALA B 71 0.04 9.33 2.94
N GLY B 72 -0.09 10.24 1.97
CA GLY B 72 -0.97 10.07 0.83
C GLY B 72 -2.40 10.58 0.97
N MET B 73 -2.70 11.15 2.13
CA MET B 73 -4.04 11.66 2.38
C MET B 73 -4.25 12.98 1.67
N LYS B 74 -5.48 13.22 1.21
CA LYS B 74 -5.84 14.39 0.43
C LYS B 74 -7.23 14.91 0.79
N TYR B 75 -7.44 16.19 0.55
CA TYR B 75 -8.76 16.77 0.76
C TYR B 75 -9.77 16.15 -0.22
N GLY B 76 -10.94 15.82 0.30
CA GLY B 76 -12.03 15.23 -0.47
C GLY B 76 -11.85 13.76 -0.79
N VAL B 77 -10.83 13.13 -0.21
CA VAL B 77 -10.57 11.72 -0.43
C VAL B 77 -10.69 10.98 0.91
N GLU B 78 -11.40 9.85 0.90
CA GLU B 78 -11.54 9.02 2.07
C GLU B 78 -10.51 7.93 1.92
N THR B 79 -9.61 7.87 2.89
CA THR B 79 -8.51 6.90 2.93
C THR B 79 -8.89 5.71 3.80
N ASP B 80 -8.97 4.51 3.20
CA ASP B 80 -9.25 3.31 3.98
C ASP B 80 -7.98 2.74 4.61
N TRP B 81 -8.12 1.73 5.43
CA TRP B 81 -6.96 1.23 6.16
C TRP B 81 -5.85 0.73 5.19
N PRO B 82 -6.15 -0.09 4.18
CA PRO B 82 -5.09 -0.53 3.26
C PRO B 82 -4.37 0.61 2.59
N ALA B 83 -5.08 1.66 2.19
CA ALA B 83 -4.42 2.81 1.58
C ALA B 83 -3.59 3.56 2.63
N TYR B 84 -4.09 3.61 3.85
CA TYR B 84 -3.47 4.36 4.93
C TYR B 84 -2.11 3.77 5.28
N ILE B 85 -2.07 2.46 5.50
CA ILE B 85 -0.80 1.82 5.88
C ILE B 85 0.24 1.83 4.74
N GLU B 86 -0.21 1.69 3.51
CA GLU B 86 0.68 1.84 2.34
C GLU B 86 1.28 3.24 2.31
N GLY B 87 0.41 4.23 2.46
CA GLY B 87 0.89 5.61 2.56
C GLY B 87 1.86 5.86 3.69
N TRP B 88 1.63 5.22 4.84
CA TRP B 88 2.48 5.35 6.00
C TRP B 88 3.88 4.74 5.77
N LYS B 89 3.96 3.69 4.98
CA LYS B 89 5.28 3.18 4.61
C LYS B 89 6.06 4.18 3.78
N LYS B 90 5.36 4.86 2.88
CA LYS B 90 5.95 5.91 2.05
C LYS B 90 6.42 7.10 2.90
N LEU B 91 5.56 7.57 3.83
CA LEU B 91 5.94 8.64 4.74
C LEU B 91 7.18 8.29 5.54
N ALA B 92 7.18 7.14 6.19
CA ALA B 92 8.29 6.75 7.07
C ALA B 92 9.58 6.63 6.26
N THR B 93 9.46 6.08 5.04
CA THR B 93 10.63 5.94 4.15
C THR B 93 11.21 7.30 3.81
N ASP B 94 10.33 8.21 3.42
CA ASP B 94 10.75 9.56 3.02
C ASP B 94 11.35 10.32 4.18
N GLU B 95 10.75 10.21 5.37
CA GLU B 95 11.26 10.87 6.56
C GLU B 95 12.66 10.37 6.96
N LEU B 96 12.84 9.06 6.90
CA LEU B 96 14.10 8.45 7.31
C LEU B 96 15.19 8.86 6.31
N GLU B 97 14.81 9.07 5.06
CA GLU B 97 15.76 9.55 4.04
C GLU B 97 16.20 10.99 4.34
N LYS B 98 15.24 11.85 4.70
CA LYS B 98 15.55 13.21 5.08
C LYS B 98 16.44 13.24 6.31
N TYR B 99 16.09 12.46 7.33
CA TYR B 99 16.86 12.39 8.58
C TYR B 99 18.33 12.02 8.26
N ALA B 100 18.50 11.02 7.41
CA ALA B 100 19.84 10.51 7.09
C ALA B 100 20.69 11.56 6.39
N LYS B 101 20.03 12.46 5.68
CA LYS B 101 20.69 13.57 5.00
C LYS B 101 20.71 14.88 5.82
N ASN B 102 20.30 14.85 7.09
CA ASN B 102 20.28 16.02 7.96
C ASN B 102 19.40 17.13 7.41
N GLU B 103 18.28 16.74 6.80
CA GLU B 103 17.25 17.64 6.29
C GLU B 103 16.05 17.60 7.21
N PRO B 104 15.37 18.73 7.37
CA PRO B 104 14.20 18.77 8.27
C PRO B 104 13.11 17.76 7.89
N THR B 105 12.60 17.04 8.89
CA THR B 105 11.52 16.10 8.66
C THR B 105 10.18 16.79 8.90
N LEU B 106 9.14 16.20 8.33
CA LEU B 106 7.75 16.67 8.53
C LEU B 106 7.35 16.58 10.00
N ILE B 107 7.79 15.53 10.68
CA ILE B 107 7.48 15.41 12.09
C ILE B 107 8.16 16.50 12.95
N ARG B 108 9.40 16.87 12.64
CA ARG B 108 10.08 18.00 13.29
C ARG B 108 9.32 19.30 13.05
N ILE B 109 8.89 19.52 11.82
CA ILE B 109 8.20 20.76 11.46
C ILE B 109 6.91 20.87 12.26
N TRP B 110 6.17 19.75 12.38
CA TRP B 110 4.98 19.71 13.25
C TRP B 110 5.36 20.02 14.69
N GLY B 111 6.39 19.36 15.22
CA GLY B 111 6.83 19.60 16.59
C GLY B 111 7.11 21.08 16.86
N ASP B 112 7.79 21.72 15.94
CA ASP B 112 8.18 23.11 16.12
C ASP B 112 6.93 23.99 16.15
N ALA B 113 6.00 23.71 15.24
CA ALA B 113 4.72 24.48 15.17
C ALA B 113 3.90 24.28 16.45
N LEU B 114 3.82 23.05 16.93
CA LEU B 114 3.04 22.75 18.14
C LEU B 114 3.70 23.34 19.35
N PHE B 115 5.01 23.14 19.48
CA PHE B 115 5.71 23.63 20.68
C PHE B 115 5.65 25.17 20.78
N ASP B 116 5.52 25.88 19.66
CA ASP B 116 5.34 27.34 19.73
C ASP B 116 4.05 27.71 20.43
N ILE B 117 3.06 26.85 20.34
CA ILE B 117 1.78 27.03 21.01
C ILE B 117 1.81 26.52 22.45
N VAL B 118 2.39 25.34 22.63
CA VAL B 118 2.25 24.63 23.88
C VAL B 118 3.25 25.08 24.98
N ASP B 119 4.45 25.44 24.57
CA ASP B 119 5.47 25.98 25.50
C ASP B 119 5.16 27.44 25.86
N LYS B 120 4.72 27.70 27.08
CA LYS B 120 4.43 29.08 27.51
C LYS B 120 5.58 30.05 27.23
N ASP B 121 6.82 29.57 27.34
CA ASP B 121 8.02 30.38 27.18
C ASP B 121 8.61 30.41 25.75
N GLN B 122 7.99 29.66 24.83
CA GLN B 122 8.38 29.61 23.43
C GLN B 122 9.88 29.46 23.24
N ASN B 123 10.40 28.45 23.94
CA ASN B 123 11.82 28.11 23.95
C ASN B 123 12.09 26.69 23.41
N GLY B 124 11.07 26.02 22.88
CA GLY B 124 11.25 24.69 22.33
C GLY B 124 11.27 23.56 23.34
N ALA B 125 10.57 23.72 24.45
CA ALA B 125 10.45 22.63 25.43
C ALA B 125 9.20 22.73 26.31
N ILE B 126 8.65 21.58 26.69
CA ILE B 126 7.40 21.61 27.44
C ILE B 126 7.48 20.95 28.80
N THR B 127 6.68 21.45 29.72
CA THR B 127 6.52 20.84 31.05
C THR B 127 5.59 19.65 30.96
N LEU B 128 5.57 18.86 32.03
CA LEU B 128 4.61 17.77 32.16
C LEU B 128 3.17 18.26 32.08
N ASP B 129 2.85 19.37 32.74
CA ASP B 129 1.50 19.89 32.69
C ASP B 129 1.12 20.28 31.28
N GLU B 130 2.07 20.84 30.52
CA GLU B 130 1.84 21.23 29.14
C GLU B 130 1.62 19.99 28.26
N TRP B 131 2.38 18.93 28.52
CA TRP B 131 2.22 17.69 27.74
C TRP B 131 0.87 17.04 28.04
N LYS B 132 0.48 17.03 29.32
CA LYS B 132 -0.87 16.60 29.70
C LYS B 132 -1.97 17.38 28.97
N ALA B 133 -1.83 18.71 28.92
CA ALA B 133 -2.83 19.52 28.30
C ALA B 133 -2.98 19.19 26.80
N TYR B 134 -1.86 19.06 26.09
CA TYR B 134 -1.92 18.76 24.67
C TYR B 134 -2.50 17.36 24.44
N THR B 135 -1.88 16.36 25.07
CA THR B 135 -2.28 14.97 24.76
C THR B 135 -3.69 14.62 25.16
N LYS B 136 -4.16 15.19 26.28
CA LYS B 136 -5.55 15.00 26.69
C LYS B 136 -6.56 15.71 25.80
N ALA B 137 -6.21 16.90 25.29
CA ALA B 137 -7.04 17.56 24.29
C ALA B 137 -7.17 16.74 23.00
N ALA B 138 -6.03 16.25 22.50
CA ALA B 138 -6.02 15.44 21.31
C ALA B 138 -6.71 14.08 21.57
N GLY B 139 -6.57 13.61 22.80
CA GLY B 139 -7.07 12.32 23.19
C GLY B 139 -6.13 11.15 23.00
N ILE B 140 -4.93 11.44 22.50
CA ILE B 140 -3.95 10.40 22.25
C ILE B 140 -3.47 9.71 23.56
N ILE B 141 -3.41 10.47 24.64
CA ILE B 141 -3.28 9.91 25.98
C ILE B 141 -4.49 10.39 26.78
N GLN B 142 -5.09 9.48 27.55
CA GLN B 142 -6.20 9.80 28.44
C GLN B 142 -5.76 10.05 29.90
N SER B 143 -4.82 9.23 30.42
CA SER B 143 -4.47 9.25 31.85
C SER B 143 -3.20 10.03 32.16
N SER B 144 -3.17 10.66 33.33
CA SER B 144 -1.95 11.33 33.81
C SER B 144 -0.77 10.36 33.94
N GLU B 145 -1.04 9.14 34.38
CA GLU B 145 0.01 8.14 34.53
C GLU B 145 0.74 7.85 33.22
N ASP B 146 0.00 7.79 32.11
CA ASP B 146 0.61 7.53 30.81
C ASP B 146 1.43 8.76 30.36
N CYS B 147 0.91 9.96 30.62
CA CYS B 147 1.64 11.19 30.35
C CYS B 147 2.97 11.24 31.08
N GLU B 148 2.96 10.80 32.33
CA GLU B 148 4.16 10.70 33.15
C GLU B 148 5.19 9.70 32.60
N GLU B 149 4.73 8.61 31.97
CA GLU B 149 5.63 7.66 31.34
C GLU B 149 6.45 8.27 30.23
N THR B 150 5.87 9.20 29.45
CA THR B 150 6.63 9.86 28.41
C THR B 150 7.88 10.48 28.99
N PHE B 151 7.71 11.12 30.13
CA PHE B 151 8.86 11.81 30.76
C PHE B 151 9.90 10.83 31.32
N ARG B 152 9.49 9.62 31.68
CA ARG B 152 10.45 8.58 32.11
C ARG B 152 11.27 8.04 30.93
N VAL B 153 10.61 7.77 29.81
CA VAL B 153 11.25 7.20 28.63
C VAL B 153 12.21 8.20 28.02
N CYS B 154 11.80 9.46 28.03
CA CYS B 154 12.59 10.54 27.44
C CYS B 154 13.71 11.06 28.34
N ASP B 155 14.77 11.52 27.69
CA ASP B 155 15.79 12.33 28.34
C ASP B 155 15.23 13.73 28.56
N ILE B 156 14.99 14.06 29.82
CA ILE B 156 14.51 15.35 30.25
C ILE B 156 15.70 16.27 30.50
N ASP B 157 15.49 17.58 30.41
CA ASP B 157 16.57 18.53 30.59
C ASP B 157 16.70 18.89 32.06
N GLU B 158 17.69 19.74 32.37
CA GLU B 158 17.98 20.14 33.75
C GLU B 158 16.74 20.72 34.42
N SER B 159 15.92 21.42 33.61
CA SER B 159 14.73 22.12 34.07
C SER B 159 13.52 21.22 34.32
N GLY B 160 13.56 19.97 33.86
CA GLY B 160 12.41 19.08 33.96
C GLY B 160 11.46 19.15 32.77
N GLN B 161 11.97 19.61 31.64
CA GLN B 161 11.16 19.82 30.45
C GLN B 161 11.59 18.90 29.33
N LEU B 162 10.62 18.58 28.47
CA LEU B 162 10.84 17.77 27.30
C LEU B 162 11.17 18.67 26.10
N ASP B 163 12.38 18.57 25.59
CA ASP B 163 12.83 19.42 24.49
C ASP B 163 12.35 18.87 23.12
N VAL B 164 12.07 19.77 22.19
CA VAL B 164 11.60 19.39 20.87
C VAL B 164 12.62 18.51 20.15
N ASP B 165 13.91 18.76 20.34
CA ASP B 165 14.94 17.92 19.75
C ASP B 165 14.88 16.47 20.24
N GLU B 166 14.78 16.32 21.56
CA GLU B 166 14.72 14.98 22.18
C GLU B 166 13.46 14.24 21.71
N MET B 167 12.33 14.93 21.78
CA MET B 167 11.07 14.30 21.42
C MET B 167 10.97 13.98 19.93
N THR B 168 11.58 14.77 19.05
CA THR B 168 11.62 14.46 17.62
C THR B 168 12.33 13.12 17.44
N ARG B 169 13.47 12.93 18.13
CA ARG B 169 14.21 11.66 18.02
C ARG B 169 13.39 10.48 18.52
N GLN B 170 12.67 10.66 19.61
CA GLN B 170 11.79 9.62 20.15
C GLN B 170 10.69 9.33 19.14
N HIS B 171 10.14 10.39 18.53
CA HIS B 171 9.10 10.19 17.52
C HIS B 171 9.57 9.45 16.27
N LEU B 172 10.81 9.71 15.84
CA LEU B 172 11.35 8.93 14.72
C LEU B 172 11.35 7.44 15.05
N GLY B 173 11.82 7.11 16.24
CA GLY B 173 11.89 5.73 16.65
C GLY B 173 10.53 5.11 16.88
N PHE B 174 9.61 5.87 17.48
CA PHE B 174 8.30 5.32 17.87
C PHE B 174 7.40 5.12 16.66
N TRP B 175 7.31 6.13 15.80
CA TRP B 175 6.41 6.08 14.66
C TRP B 175 7.03 5.46 13.41
N TYR B 176 8.35 5.60 13.21
CA TYR B 176 8.97 5.18 11.97
C TYR B 176 9.78 3.87 12.03
N THR B 177 10.51 3.61 13.10
CA THR B 177 11.48 2.49 13.09
C THR B 177 11.26 1.36 14.07
N MET B 178 10.28 1.47 14.97
CA MET B 178 10.15 0.51 16.07
C MET B 178 11.42 0.39 16.91
N ASP B 179 12.05 1.52 17.18
CA ASP B 179 13.20 1.57 18.09
C ASP B 179 12.77 1.02 19.44
N PRO B 180 13.40 -0.06 19.88
CA PRO B 180 13.02 -0.64 21.17
C PRO B 180 13.23 0.31 22.37
N ALA B 181 14.14 1.27 22.25
CA ALA B 181 14.38 2.23 23.32
C ALA B 181 13.19 3.18 23.53
N CYS B 182 12.32 3.25 22.52
CA CYS B 182 11.16 4.18 22.55
C CYS B 182 9.86 3.55 23.02
N GLU B 183 9.89 2.28 23.38
CA GLU B 183 8.69 1.63 23.86
C GLU B 183 8.12 2.37 25.07
N LYS B 184 6.79 2.45 25.11
CA LYS B 184 6.04 3.08 26.18
C LYS B 184 6.20 4.61 26.17
N LEU B 185 6.56 5.17 25.01
CA LEU B 185 6.66 6.63 24.87
C LEU B 185 5.37 7.33 25.26
N TYR B 186 4.24 6.71 24.93
CA TYR B 186 2.91 7.19 25.28
C TYR B 186 2.29 6.35 26.40
N GLY B 187 3.13 5.79 27.26
CA GLY B 187 2.65 4.91 28.31
C GLY B 187 1.91 3.72 27.74
N GLY B 188 0.83 3.35 28.41
CA GLY B 188 -0.09 2.33 27.91
C GLY B 188 -1.06 2.79 26.84
N ALA B 189 -1.08 4.09 26.52
CA ALA B 189 -2.12 4.64 25.65
C ALA B 189 -1.97 4.19 24.21
N VAL B 190 -0.74 4.00 23.73
CA VAL B 190 -0.47 3.60 22.37
C VAL B 190 0.49 2.44 22.43
N PRO B 191 0.08 1.27 21.96
CA PRO B 191 0.97 0.10 22.03
C PRO B 191 2.16 0.22 21.10
O21 CZN C . -2.83 -12.70 -14.94
C3 CZN C . -1.69 -13.05 -15.20
N4 CZN C . -1.04 -12.68 -16.35
C5 CZN C . -1.46 -11.90 -17.36
C9 CZN C . 0.17 -13.22 -16.35
C8 CZN C . 1.07 -12.99 -17.48
N7 CZN C . 0.63 -12.21 -18.45
C6 CZN C . -0.60 -11.67 -18.45
C22 CZN C . -0.96 -10.79 -19.59
C23 CZN C . -0.08 -10.65 -20.66
C24 CZN C . -0.37 -9.85 -21.76
C25 CZN C . -1.56 -9.15 -21.82
C26 CZN C . -2.42 -9.28 -20.75
C27 CZN C . -2.15 -10.09 -19.65
O28 CZN C . -1.82 -8.35 -22.89
C29 CZN C . 2.46 -13.54 -17.52
C30 CZN C . 2.65 -14.69 -18.45
C31 CZN C . 3.01 -15.91 -17.91
C32 CZN C . 3.21 -17.00 -18.75
C33 CZN C . 3.01 -16.86 -20.11
C34 CZN C . 2.64 -15.64 -20.63
C35 CZN C . 2.46 -14.54 -19.81
N1 CZN C . 0.39 -13.97 -15.26
C2 CZN C . -0.78 -13.94 -14.38
O36 CZN C . -0.47 -13.18 -13.21
O37 CZN C . 0.16 -12.09 -13.43
C10 CZN C . -1.20 -15.36 -14.06
C11 CZN C . -2.34 -15.38 -13.07
C12 CZN C . -3.62 -15.60 -13.52
C13 CZN C . -4.70 -15.64 -12.61
C14 CZN C . -6.00 -15.81 -13.04
C18 CZN C . -4.39 -15.45 -11.18
C19 CZN C . -3.10 -15.22 -10.77
C20 CZN C . -2.06 -15.22 -11.71
C17 CZN C . -5.45 -15.48 -10.26
C16 CZN C . -6.75 -15.67 -10.72
C15 CZN C . -7.03 -15.86 -12.10
O21 CZN D . 3.45 12.89 17.45
C3 CZN D . 2.28 13.23 17.55
N4 CZN D . 1.25 12.61 16.95
C5 CZN D . 1.22 11.53 16.14
C9 CZN D . 0.10 13.21 17.30
C8 CZN D . -1.18 12.76 16.78
N7 CZN D . -1.19 11.70 16.00
C6 CZN D . -0.04 11.08 15.65
C22 CZN D . -0.14 9.88 14.77
C23 CZN D . -1.38 9.50 14.26
C24 CZN D . -1.55 8.40 13.42
C25 CZN D . -0.47 7.62 13.11
C26 CZN D . 0.75 8.00 13.61
C27 CZN D . 0.93 9.08 14.45
O28 CZN D . -0.64 6.50 12.33
C29 CZN D . -2.47 13.40 17.19
C30 CZN D . -3.16 14.17 16.13
C31 CZN D . -3.36 15.55 16.34
C32 CZN D . -3.97 16.29 15.36
C33 CZN D . -4.45 15.69 14.19
C34 CZN D . -4.28 14.33 14.00
C35 CZN D . -3.62 13.55 14.97
N1 CZN D . 0.33 14.25 18.09
C2 CZN D . 1.73 14.38 18.38
O36 CZN D . 1.94 14.05 19.75
O37 CZN D . 1.31 12.97 20.10
C10 CZN D . 2.12 15.80 18.04
C11 CZN D . 3.57 16.04 18.43
C12 CZN D . 4.54 15.99 17.45
C13 CZN D . 5.87 16.20 17.76
C14 CZN D . 6.88 16.16 16.78
C18 CZN D . 6.24 16.50 19.15
C19 CZN D . 5.25 16.55 20.12
C20 CZN D . 3.92 16.31 19.77
C17 CZN D . 7.57 16.71 19.47
C16 CZN D . 8.54 16.67 18.48
C15 CZN D . 8.18 16.40 17.14
#